data_7RYU
#
_entry.id   7RYU
#
_cell.length_a   63.853
_cell.length_b   66.973
_cell.length_c   136.586
_cell.angle_alpha   90.000
_cell.angle_beta   90.000
_cell.angle_gamma   90.000
#
_symmetry.space_group_name_H-M   'P 21 21 21'
#
loop_
_entity.id
_entity.type
_entity.pdbx_description
1 polymer 'Ab1303 Fab heavy chain'
2 polymer 'Ab1303 Fab light chain'
3 water water
#
loop_
_entity_poly.entity_id
_entity_poly.type
_entity_poly.pdbx_seq_one_letter_code
_entity_poly.pdbx_strand_id
1 'polypeptide(L)'
;QVQLQESGPGLVKPSETLSLTCAVSGGSISGNYWSWIRQSPGKGLEWIGHINDYSGRTDYNPSLKSRVTISTDTSTNQFF
LTLSSVSAADTAVYYCARRDTDFWRGIYVFEFWGQGVLVTVSSASTKGPSVFPLAPSSKSTSGGTAALGCLVKDYFPEPV
TVSWNSGALTSGVHTFPAVLQSSGLYSLSSVVTVPSSSLGTQTYICNVNHKPSNTKVDKRVEPKSCDKTHHHHHH
;
H
2 'polypeptide(L)'
;QSVLTQSPSASASLGASVKLTCTLSSGLRSYTIAWYQRQRGQAPRFLLRLDSVGSHTKVDGIPDRFSGSSSGTERYLTIS
NLQSEDEADYFCQTWTTGIYIFGGGTRLSVLSQPKASPTVTLFPPSSEELQANKATLVCLISDFYPGAVTVAWKADSSPV
KAGVETTTPSKQSNNKYAASSYLSLTPEQWKSHRSYSCQVTHEGSTVEKTVAPTECS
;
L
#
# COMPACT_ATOMS: atom_id res chain seq x y z
N GLN A 1 26.11 10.62 -8.52
CA GLN A 1 26.67 10.47 -7.19
C GLN A 1 26.55 9.01 -6.70
N VAL A 2 26.09 8.83 -5.47
CA VAL A 2 26.00 7.48 -4.89
C VAL A 2 24.74 6.81 -5.44
N GLN A 3 24.89 5.56 -5.88
CA GLN A 3 23.75 4.74 -6.29
C GLN A 3 23.69 3.49 -5.43
N LEU A 4 22.47 3.09 -5.07
CA LEU A 4 22.24 1.95 -4.20
C LEU A 4 21.13 1.09 -4.78
N GLN A 5 21.25 -0.23 -4.59
CA GLN A 5 20.25 -1.18 -5.10
C GLN A 5 20.17 -2.39 -4.17
N GLU A 6 18.98 -2.62 -3.61
CA GLU A 6 18.70 -3.77 -2.75
C GLU A 6 18.38 -5.01 -3.58
N SER A 7 18.67 -6.17 -3.02
CA SER A 7 18.22 -7.42 -3.61
C SER A 7 18.13 -8.49 -2.53
N GLY A 8 17.30 -9.50 -2.78
CA GLY A 8 17.15 -10.60 -1.86
C GLY A 8 15.80 -11.23 -1.99
N PRO A 9 15.57 -12.34 -1.28
CA PRO A 9 14.29 -13.05 -1.41
C PRO A 9 13.12 -12.19 -0.96
N GLY A 10 12.02 -12.27 -1.71
CA GLY A 10 10.81 -11.57 -1.36
C GLY A 10 9.94 -12.24 -0.32
N LEU A 11 10.18 -13.51 0.01
CA LEU A 11 9.42 -14.21 1.03
C LEU A 11 10.35 -14.85 2.03
N VAL A 12 9.97 -14.79 3.31
CA VAL A 12 10.70 -15.45 4.39
C VAL A 12 9.67 -16.13 5.29
N LYS A 13 10.00 -17.36 5.72
CA LYS A 13 9.10 -18.07 6.60
C LYS A 13 9.23 -17.55 8.03
N PRO A 14 8.15 -17.52 8.79
CA PRO A 14 8.24 -17.10 10.20
C PRO A 14 9.29 -17.90 10.95
N SER A 15 9.98 -17.22 11.87
CA SER A 15 11.06 -17.70 12.72
C SER A 15 12.38 -17.93 11.97
N GLU A 16 12.42 -17.76 10.66
CA GLU A 16 13.66 -17.88 9.92
C GLU A 16 14.34 -16.51 9.77
N THR A 17 15.44 -16.48 9.04
CA THR A 17 16.28 -15.29 8.93
C THR A 17 16.09 -14.63 7.56
N LEU A 18 15.86 -13.31 7.58
CA LEU A 18 15.80 -12.48 6.40
C LEU A 18 17.20 -11.99 6.06
N SER A 19 17.61 -12.13 4.81
CA SER A 19 18.92 -11.65 4.34
C SER A 19 18.75 -10.75 3.13
N LEU A 20 19.39 -9.57 3.15
CA LEU A 20 19.34 -8.65 2.03
C LEU A 20 20.74 -8.14 1.72
N THR A 21 20.97 -7.82 0.45
CA THR A 21 22.22 -7.26 -0.05
C THR A 21 21.94 -5.88 -0.65
N CYS A 22 22.88 -4.95 -0.48
CA CYS A 22 22.84 -3.67 -1.17
C CYS A 22 24.10 -3.56 -2.03
N ALA A 23 23.93 -3.27 -3.32
CA ALA A 23 25.03 -3.02 -4.22
C ALA A 23 25.18 -1.51 -4.41
N VAL A 24 26.41 -1.00 -4.23
CA VAL A 24 26.63 0.44 -4.25
C VAL A 24 27.61 0.82 -5.35
N SER A 25 27.50 2.06 -5.81
CA SER A 25 28.55 2.66 -6.62
C SER A 25 28.60 4.15 -6.31
N GLY A 26 29.77 4.75 -6.54
CA GLY A 26 29.94 6.17 -6.28
C GLY A 26 30.17 6.55 -4.84
N GLY A 27 30.34 5.59 -3.93
CA GLY A 27 30.62 5.90 -2.55
C GLY A 27 32.08 6.29 -2.32
N SER A 28 32.39 6.63 -1.08
CA SER A 28 33.77 6.91 -0.71
C SER A 28 34.57 5.62 -0.61
N ILE A 29 35.89 5.73 -0.77
CA ILE A 29 36.74 4.56 -0.55
C ILE A 29 36.52 4.00 0.85
N SER A 30 36.30 4.89 1.81
CA SER A 30 36.22 4.55 3.22
C SER A 30 35.46 5.68 3.93
N GLY A 31 34.69 5.33 4.95
CA GLY A 31 34.00 6.31 5.75
C GLY A 31 32.53 6.47 5.46
N ASN A 32 31.93 5.53 4.73
CA ASN A 32 30.50 5.56 4.44
C ASN A 32 29.71 5.03 5.62
N TYR A 33 28.58 5.67 5.90
CA TYR A 33 27.61 5.15 6.87
C TYR A 33 26.51 4.43 6.09
N TRP A 34 26.77 3.17 5.78
CA TRP A 34 25.82 2.35 5.04
C TRP A 34 24.69 1.93 5.98
N SER A 35 23.45 2.27 5.62
CA SER A 35 22.31 2.18 6.51
C SER A 35 21.18 1.33 5.92
N TRP A 36 20.34 0.81 6.82
CA TRP A 36 19.11 0.11 6.45
C TRP A 36 17.93 0.73 7.17
N ILE A 37 16.81 0.86 6.45
CA ILE A 37 15.58 1.46 6.96
C ILE A 37 14.44 0.62 6.38
N ARG A 38 13.30 0.55 7.08
CA ARG A 38 12.17 -0.19 6.55
C ARG A 38 10.85 0.55 6.80
N GLN A 39 9.84 0.23 5.99
CA GLN A 39 8.50 0.77 6.19
C GLN A 39 7.49 -0.37 6.07
N SER A 40 6.77 -0.60 7.12
CA SER A 40 5.69 -1.59 7.14
C SER A 40 4.38 -0.97 6.68
N PRO A 41 3.48 -1.79 6.13
CA PRO A 41 2.18 -1.27 5.69
C PRO A 41 1.45 -0.54 6.81
N GLY A 42 0.97 0.66 6.50
CA GLY A 42 0.23 1.47 7.44
C GLY A 42 1.07 2.18 8.50
N LYS A 43 2.39 2.00 8.50
CA LYS A 43 3.26 2.57 9.50
C LYS A 43 4.26 3.52 8.85
N GLY A 44 4.90 4.33 9.67
CA GLY A 44 6.00 5.16 9.21
C GLY A 44 7.30 4.38 9.11
N LEU A 45 8.26 5.01 8.43
CA LEU A 45 9.59 4.45 8.28
C LEU A 45 10.26 4.24 9.63
N GLU A 46 11.14 3.22 9.69
CA GLU A 46 11.85 2.83 10.92
C GLU A 46 13.31 2.53 10.58
N TRP A 47 14.24 3.24 11.22
CA TRP A 47 15.66 2.98 11.05
C TRP A 47 16.01 1.63 11.67
N ILE A 48 16.81 0.85 10.95
CA ILE A 48 17.28 -0.46 11.43
C ILE A 48 18.69 -0.37 12.02
N GLY A 49 19.61 0.22 11.28
CA GLY A 49 20.96 0.38 11.78
C GLY A 49 21.89 0.83 10.66
N HIS A 50 23.17 0.97 11.03
CA HIS A 50 24.18 1.30 10.04
C HIS A 50 25.51 0.67 10.43
N ILE A 51 26.42 0.66 9.46
CA ILE A 51 27.82 0.35 9.69
C ILE A 51 28.64 1.46 9.05
N ASN A 52 29.70 1.88 9.73
CA ASN A 52 30.69 2.78 9.15
C ASN A 52 31.84 1.94 8.65
N ASP A 53 32.17 2.05 7.37
CA ASP A 53 33.16 1.14 6.81
C ASP A 53 34.60 1.62 6.93
N TYR A 54 34.85 2.75 7.60
CA TYR A 54 36.19 3.12 8.08
C TYR A 54 36.47 2.48 9.43
N SER A 55 35.55 2.64 10.39
CA SER A 55 35.72 2.07 11.72
C SER A 55 35.31 0.60 11.78
N GLY A 56 34.43 0.16 10.88
CA GLY A 56 33.89 -1.18 10.92
C GLY A 56 32.85 -1.41 11.99
N ARG A 57 32.45 -0.36 12.71
CA ARG A 57 31.55 -0.49 13.84
C ARG A 57 30.11 -0.25 13.41
N THR A 58 29.19 -0.94 14.08
CA THR A 58 27.77 -0.90 13.81
C THR A 58 27.01 -0.17 14.91
N ASP A 59 25.86 0.38 14.55
CA ASP A 59 24.88 0.92 15.48
C ASP A 59 23.51 0.43 15.05
N TYR A 60 22.74 -0.11 15.98
CA TYR A 60 21.45 -0.71 15.66
C TYR A 60 20.32 -0.08 16.46
N ASN A 61 19.14 -0.07 15.87
CA ASN A 61 17.92 0.28 16.60
C ASN A 61 17.79 -0.64 17.81
N PRO A 62 17.69 -0.10 19.03
CA PRO A 62 17.67 -0.98 20.22
C PRO A 62 16.56 -2.01 20.20
N SER A 63 15.41 -1.68 19.60
CA SER A 63 14.30 -2.63 19.57
C SER A 63 14.58 -3.81 18.65
N LEU A 64 15.56 -3.71 17.75
CA LEU A 64 15.92 -4.79 16.85
C LEU A 64 17.31 -5.35 17.12
N LYS A 65 18.06 -4.78 18.08
CA LYS A 65 19.47 -5.08 18.23
C LYS A 65 19.74 -6.58 18.36
N SER A 66 18.90 -7.30 19.10
CA SER A 66 19.17 -8.71 19.32
C SER A 66 19.06 -9.54 18.06
N ARG A 67 18.42 -9.02 17.01
CA ARG A 67 18.12 -9.80 15.82
C ARG A 67 18.86 -9.34 14.57
N VAL A 68 19.56 -8.21 14.60
CA VAL A 68 20.09 -7.59 13.38
C VAL A 68 21.60 -7.78 13.30
N THR A 69 22.10 -8.00 12.09
CA THR A 69 23.52 -7.89 11.79
C THR A 69 23.66 -7.09 10.50
N ILE A 70 24.54 -6.09 10.50
CA ILE A 70 24.92 -5.40 9.27
C ILE A 70 26.42 -5.58 9.06
N SER A 71 26.81 -5.86 7.81
CA SER A 71 28.22 -6.10 7.47
C SER A 71 28.49 -5.58 6.06
N THR A 72 29.77 -5.57 5.68
CA THR A 72 30.19 -5.05 4.39
C THR A 72 31.10 -6.04 3.67
N ASP A 73 31.15 -5.89 2.35
CA ASP A 73 32.18 -6.51 1.50
C ASP A 73 32.68 -5.41 0.57
N THR A 74 33.67 -4.66 1.05
CA THR A 74 34.22 -3.57 0.26
C THR A 74 34.70 -4.05 -1.10
N SER A 75 35.26 -5.27 -1.16
CA SER A 75 35.88 -5.72 -2.40
C SER A 75 34.88 -5.88 -3.54
N THR A 76 33.59 -6.07 -3.23
CA THR A 76 32.57 -6.17 -4.26
C THR A 76 31.56 -5.03 -4.19
N ASN A 77 31.84 -3.98 -3.40
CA ASN A 77 30.97 -2.82 -3.31
C ASN A 77 29.55 -3.23 -2.90
N GLN A 78 29.47 -4.01 -1.84
CA GLN A 78 28.21 -4.50 -1.29
C GLN A 78 28.19 -4.33 0.22
N PHE A 79 26.99 -4.19 0.77
CA PHE A 79 26.80 -4.38 2.21
C PHE A 79 25.49 -5.12 2.44
N PHE A 80 25.30 -5.57 3.68
CA PHE A 80 24.36 -6.66 3.95
C PHE A 80 23.54 -6.40 5.19
N LEU A 81 22.35 -7.00 5.23
CA LEU A 81 21.49 -7.00 6.40
C LEU A 81 21.05 -8.44 6.66
N THR A 82 21.09 -8.87 7.92
CA THR A 82 20.37 -10.06 8.31
C THR A 82 19.49 -9.73 9.50
N LEU A 83 18.29 -10.33 9.53
CA LEU A 83 17.32 -10.10 10.59
C LEU A 83 16.75 -11.47 10.95
N SER A 84 17.06 -11.95 12.14
CA SER A 84 16.70 -13.32 12.52
C SER A 84 15.34 -13.38 13.20
N SER A 85 14.80 -14.60 13.29
CA SER A 85 13.55 -14.89 14.00
C SER A 85 12.40 -13.96 13.58
N VAL A 86 12.15 -13.90 12.27
CA VAL A 86 11.19 -12.92 11.78
C VAL A 86 9.77 -13.35 12.13
N SER A 87 8.88 -12.36 12.22
CA SER A 87 7.45 -12.54 12.42
C SER A 87 6.71 -11.64 11.44
N ALA A 88 5.37 -11.68 11.51
CA ALA A 88 4.55 -10.84 10.64
C ALA A 88 4.92 -9.37 10.76
N ALA A 89 5.36 -8.94 11.94
CA ALA A 89 5.70 -7.54 12.14
C ALA A 89 6.88 -7.09 11.29
N ASP A 90 7.64 -8.03 10.73
CA ASP A 90 8.81 -7.70 9.92
C ASP A 90 8.50 -7.61 8.43
N THR A 91 7.26 -7.87 8.02
CA THR A 91 6.87 -7.64 6.64
C THR A 91 6.96 -6.15 6.37
N ALA A 92 7.71 -5.78 5.32
CA ALA A 92 8.03 -4.36 5.09
C ALA A 92 8.73 -4.22 3.76
N VAL A 93 8.74 -2.97 3.25
CA VAL A 93 9.71 -2.58 2.23
C VAL A 93 11.00 -2.18 2.93
N TYR A 94 12.10 -2.81 2.54
CA TYR A 94 13.42 -2.56 3.12
C TYR A 94 14.25 -1.71 2.17
N TYR A 95 14.86 -0.65 2.72
CA TYR A 95 15.68 0.29 1.96
C TYR A 95 17.12 0.27 2.46
N CYS A 96 18.07 0.27 1.54
CA CYS A 96 19.42 0.67 1.91
C CYS A 96 19.62 2.15 1.57
N ALA A 97 20.55 2.77 2.30
CA ALA A 97 20.72 4.20 2.23
C ALA A 97 22.12 4.57 2.70
N ARG A 98 22.50 5.83 2.48
CA ARG A 98 23.76 6.36 2.99
C ARG A 98 23.45 7.59 3.83
N ARG A 99 23.88 7.57 5.08
CA ARG A 99 23.73 8.74 5.95
C ARG A 99 24.74 9.82 5.57
N ASP A 100 24.37 11.08 5.80
CA ASP A 100 25.34 12.16 5.60
C ASP A 100 26.34 12.24 6.74
N THR A 101 27.37 13.10 6.56
CA THR A 101 28.30 13.41 7.65
C THR A 101 28.44 14.91 7.87
N ASP A 102 27.44 15.70 7.50
CA ASP A 102 27.50 17.16 7.67
C ASP A 102 26.95 17.61 9.01
N PHE A 103 25.98 16.87 9.57
CA PHE A 103 25.34 17.22 10.86
C PHE A 103 24.86 18.67 10.86
N TRP A 104 24.26 19.10 9.75
CA TRP A 104 23.80 20.48 9.62
C TRP A 104 22.70 20.77 10.64
N ARG A 105 22.93 21.79 11.47
CA ARG A 105 21.96 22.21 12.48
C ARG A 105 21.45 21.00 13.29
N GLY A 106 22.35 20.05 13.55
CA GLY A 106 22.06 19.00 14.50
C GLY A 106 21.24 17.82 14.01
N ILE A 107 21.10 17.65 12.71
CA ILE A 107 20.37 16.50 12.15
C ILE A 107 21.31 15.68 11.29
N TYR A 108 21.10 14.36 11.31
CA TYR A 108 21.64 13.49 10.27
C TYR A 108 20.47 13.05 9.39
N VAL A 109 20.75 12.91 8.10
CA VAL A 109 19.75 12.60 7.08
C VAL A 109 20.26 11.45 6.21
N PHE A 110 19.36 10.92 5.40
CA PHE A 110 19.69 9.87 4.43
C PHE A 110 19.75 10.54 3.06
N GLU A 111 20.98 10.84 2.62
CA GLU A 111 21.16 11.63 1.41
C GLU A 111 20.87 10.83 0.15
N PHE A 112 21.00 9.50 0.21
CA PHE A 112 20.86 8.65 -0.96
C PHE A 112 20.16 7.38 -0.50
N TRP A 113 19.23 6.88 -1.32
CA TRP A 113 18.45 5.69 -1.00
C TRP A 113 18.41 4.76 -2.22
N GLY A 114 18.21 3.48 -1.94
CA GLY A 114 17.81 2.56 -2.98
C GLY A 114 16.32 2.57 -3.20
N GLN A 115 15.87 1.82 -4.22
CA GLN A 115 14.46 1.83 -4.55
C GLN A 115 13.61 1.00 -3.60
N GLY A 116 14.25 0.15 -2.80
CA GLY A 116 13.57 -0.66 -1.80
C GLY A 116 13.17 -2.02 -2.33
N VAL A 117 13.08 -2.99 -1.43
CA VAL A 117 12.63 -4.34 -1.79
C VAL A 117 11.59 -4.77 -0.76
N LEU A 118 10.46 -5.28 -1.26
CA LEU A 118 9.45 -5.84 -0.39
C LEU A 118 9.88 -7.22 0.12
N VAL A 119 9.80 -7.43 1.43
CA VAL A 119 9.95 -8.76 2.02
C VAL A 119 8.70 -9.07 2.81
N THR A 120 8.03 -10.18 2.46
CA THR A 120 6.82 -10.61 3.12
C THR A 120 7.12 -11.86 3.95
N VAL A 121 6.79 -11.80 5.23
CA VAL A 121 6.92 -12.97 6.09
C VAL A 121 5.66 -13.80 5.92
N SER A 122 5.83 -15.04 5.46
CA SER A 122 4.69 -15.82 4.96
C SER A 122 4.94 -17.29 5.24
N SER A 123 3.92 -17.97 5.77
CA SER A 123 3.95 -19.43 5.93
C SER A 123 3.09 -20.13 4.89
N ALA A 124 2.59 -19.38 3.91
CA ALA A 124 1.66 -19.90 2.92
C ALA A 124 2.36 -20.87 1.96
N SER A 125 1.64 -21.92 1.58
CA SER A 125 2.10 -22.88 0.59
C SER A 125 1.04 -22.99 -0.50
N THR A 126 1.42 -23.62 -1.62
CA THR A 126 0.53 -23.84 -2.75
C THR A 126 -0.85 -24.31 -2.31
N LYS A 127 -1.88 -23.57 -2.73
CA LYS A 127 -3.24 -23.88 -2.31
C LYS A 127 -4.20 -23.41 -3.39
N GLY A 128 -5.15 -24.27 -3.76
CA GLY A 128 -6.14 -23.93 -4.74
C GLY A 128 -7.27 -23.10 -4.16
N PRO A 129 -7.90 -22.31 -5.03
CA PRO A 129 -8.97 -21.41 -4.57
C PRO A 129 -10.30 -22.10 -4.33
N SER A 130 -11.08 -21.51 -3.43
CA SER A 130 -12.51 -21.76 -3.35
C SER A 130 -13.21 -20.71 -4.21
N VAL A 131 -14.16 -21.15 -5.04
CA VAL A 131 -14.83 -20.27 -5.98
C VAL A 131 -16.31 -20.21 -5.63
N PHE A 132 -16.80 -18.98 -5.41
CA PHE A 132 -18.18 -18.74 -5.05
C PHE A 132 -18.86 -17.85 -6.08
N PRO A 133 -20.11 -18.11 -6.41
CA PRO A 133 -20.82 -17.24 -7.36
C PRO A 133 -21.28 -15.96 -6.69
N LEU A 134 -21.24 -14.89 -7.46
CA LEU A 134 -21.77 -13.59 -7.05
C LEU A 134 -22.99 -13.33 -7.94
N ALA A 135 -24.18 -13.63 -7.39
CA ALA A 135 -25.39 -13.65 -8.20
C ALA A 135 -25.71 -12.26 -8.74
N PRO A 136 -26.37 -12.19 -9.91
CA PRO A 136 -26.52 -10.89 -10.59
C PRO A 136 -27.30 -9.88 -9.77
N SER A 137 -26.83 -8.63 -9.85
CA SER A 137 -27.44 -7.48 -9.21
C SER A 137 -27.41 -6.30 -10.16
N SER A 138 -28.53 -5.57 -10.24
CA SER A 138 -28.60 -4.37 -11.07
C SER A 138 -28.62 -3.10 -10.25
N LYS A 139 -28.37 -3.19 -8.94
CA LYS A 139 -28.48 -2.00 -8.08
C LYS A 139 -27.47 -0.92 -8.44
N SER A 140 -26.30 -1.29 -8.95
CA SER A 140 -25.21 -0.35 -9.18
C SER A 140 -24.79 -0.26 -10.64
N THR A 141 -25.54 -0.86 -11.55
CA THR A 141 -25.19 -0.88 -12.96
C THR A 141 -26.04 0.12 -13.73
N SER A 142 -25.67 0.34 -14.98
CA SER A 142 -26.48 1.22 -15.82
C SER A 142 -27.80 0.54 -16.20
N GLY A 143 -28.74 1.34 -16.67
CA GLY A 143 -30.03 0.81 -17.08
C GLY A 143 -29.95 -0.38 -18.04
N GLY A 144 -30.74 -1.41 -17.77
CA GLY A 144 -30.79 -2.54 -18.65
C GLY A 144 -29.68 -3.55 -18.48
N THR A 145 -28.82 -3.39 -17.49
CA THR A 145 -27.71 -4.32 -17.29
C THR A 145 -27.67 -4.79 -15.83
N ALA A 146 -26.94 -5.88 -15.62
CA ALA A 146 -26.75 -6.44 -14.31
C ALA A 146 -25.30 -6.90 -14.20
N ALA A 147 -24.77 -6.81 -12.99
CA ALA A 147 -23.42 -7.29 -12.70
C ALA A 147 -23.51 -8.63 -11.99
N LEU A 148 -22.71 -9.58 -12.45
CA LEU A 148 -22.59 -10.89 -11.80
C LEU A 148 -21.11 -11.26 -11.80
N GLY A 149 -20.75 -12.24 -10.99
CA GLY A 149 -19.32 -12.46 -10.87
C GLY A 149 -18.97 -13.76 -10.19
N CYS A 150 -17.68 -13.90 -9.93
CA CYS A 150 -17.14 -15.01 -9.15
C CYS A 150 -16.14 -14.47 -8.16
N LEU A 151 -16.23 -14.94 -6.92
CA LEU A 151 -15.27 -14.67 -5.87
C LEU A 151 -14.28 -15.84 -5.81
N VAL A 152 -13.01 -15.56 -6.04
CA VAL A 152 -11.95 -16.56 -6.09
C VAL A 152 -11.12 -16.39 -4.82
N LYS A 153 -11.35 -17.25 -3.83
CA LYS A 153 -10.95 -16.99 -2.44
C LYS A 153 -9.82 -17.92 -2.00
N ASP A 154 -8.82 -17.35 -1.34
CA ASP A 154 -7.83 -18.10 -0.53
C ASP A 154 -6.96 -19.05 -1.35
N TYR A 155 -6.19 -18.48 -2.28
CA TYR A 155 -5.28 -19.28 -3.10
C TYR A 155 -3.85 -18.76 -2.94
N PHE A 156 -2.88 -19.62 -3.29
CA PHE A 156 -1.46 -19.25 -3.25
C PHE A 156 -0.66 -20.14 -4.17
N PRO A 157 0.33 -19.61 -4.90
CA PRO A 157 0.61 -18.19 -5.08
C PRO A 157 -0.17 -17.62 -6.27
N GLU A 158 0.15 -16.41 -6.68
CA GLU A 158 -0.40 -15.90 -7.93
C GLU A 158 0.25 -16.62 -9.11
N PRO A 159 -0.40 -16.63 -10.28
CA PRO A 159 -1.70 -16.02 -10.53
C PRO A 159 -2.84 -17.02 -10.65
N VAL A 160 -4.07 -16.51 -10.70
CA VAL A 160 -5.19 -17.26 -11.22
C VAL A 160 -5.63 -16.57 -12.51
N THR A 161 -6.17 -17.36 -13.43
CA THR A 161 -6.81 -16.84 -14.62
C THR A 161 -8.31 -17.08 -14.49
N VAL A 162 -9.09 -16.12 -14.95
CA VAL A 162 -10.54 -16.23 -14.97
C VAL A 162 -10.99 -15.90 -16.37
N SER A 163 -11.74 -16.80 -16.98
CA SER A 163 -12.47 -16.51 -18.20
C SER A 163 -13.95 -16.73 -17.95
N TRP A 164 -14.76 -16.31 -18.92
CA TRP A 164 -16.21 -16.42 -18.83
C TRP A 164 -16.71 -17.15 -20.07
N ASN A 165 -17.56 -18.14 -19.85
CA ASN A 165 -18.16 -18.95 -20.92
C ASN A 165 -17.08 -19.46 -21.89
N SER A 166 -15.99 -19.98 -21.31
CA SER A 166 -14.86 -20.56 -22.04
C SER A 166 -14.22 -19.56 -23.00
N GLY A 167 -14.25 -18.27 -22.64
CA GLY A 167 -13.66 -17.26 -23.47
C GLY A 167 -14.58 -16.64 -24.51
N ALA A 168 -15.82 -17.14 -24.62
CA ALA A 168 -16.77 -16.54 -25.53
C ALA A 168 -17.25 -15.18 -25.05
N LEU A 169 -17.20 -14.92 -23.76
CA LEU A 169 -17.69 -13.67 -23.18
C LEU A 169 -16.50 -12.87 -22.68
N THR A 170 -16.19 -11.79 -23.38
CA THR A 170 -15.09 -10.90 -23.01
C THR A 170 -15.55 -9.47 -22.79
N SER A 171 -16.60 -9.03 -23.47
CA SER A 171 -17.09 -7.67 -23.29
C SER A 171 -17.71 -7.53 -21.90
N GLY A 172 -17.34 -6.46 -21.21
CA GLY A 172 -17.92 -6.17 -19.91
C GLY A 172 -17.29 -6.89 -18.74
N VAL A 173 -16.16 -7.58 -18.96
CA VAL A 173 -15.48 -8.35 -17.91
C VAL A 173 -14.48 -7.45 -17.21
N HIS A 174 -14.51 -7.43 -15.89
CA HIS A 174 -13.52 -6.73 -15.08
C HIS A 174 -13.03 -7.68 -14.00
N THR A 175 -11.82 -8.18 -14.16
CA THR A 175 -11.19 -8.99 -13.13
C THR A 175 -10.30 -8.09 -12.30
N PHE A 176 -10.63 -7.97 -11.02
CA PHE A 176 -9.95 -7.03 -10.14
C PHE A 176 -8.62 -7.61 -9.67
N PRO A 177 -7.64 -6.76 -9.40
CA PRO A 177 -6.40 -7.25 -8.77
C PRO A 177 -6.68 -7.90 -7.42
N ALA A 178 -5.88 -8.92 -7.12
CA ALA A 178 -6.07 -9.68 -5.89
C ALA A 178 -5.64 -8.88 -4.67
N VAL A 179 -6.27 -9.18 -3.54
CA VAL A 179 -5.80 -8.71 -2.25
C VAL A 179 -4.93 -9.81 -1.65
N LEU A 180 -3.77 -9.42 -1.12
CA LEU A 180 -2.95 -10.31 -0.29
C LEU A 180 -3.42 -10.15 1.15
N GLN A 181 -4.02 -11.20 1.69
CA GLN A 181 -4.62 -11.16 3.00
C GLN A 181 -3.57 -11.41 4.09
N SER A 182 -3.94 -11.09 5.33
CA SER A 182 -3.04 -11.29 6.46
C SER A 182 -2.69 -12.76 6.66
N SER A 183 -3.56 -13.66 6.18
CA SER A 183 -3.28 -15.10 6.18
C SER A 183 -2.13 -15.48 5.27
N GLY A 184 -1.70 -14.60 4.38
CA GLY A 184 -0.75 -14.93 3.35
C GLY A 184 -1.35 -15.46 2.07
N LEU A 185 -2.67 -15.58 2.00
CA LEU A 185 -3.38 -16.10 0.83
C LEU A 185 -4.03 -14.95 0.07
N TYR A 186 -4.17 -15.15 -1.24
CA TYR A 186 -4.78 -14.17 -2.15
C TYR A 186 -6.27 -14.43 -2.32
N SER A 187 -7.01 -13.38 -2.63
CA SER A 187 -8.40 -13.48 -3.04
C SER A 187 -8.65 -12.42 -4.10
N LEU A 188 -9.45 -12.75 -5.11
CA LEU A 188 -9.85 -11.73 -6.08
C LEU A 188 -11.28 -11.95 -6.51
N SER A 189 -11.83 -10.96 -7.22
CA SER A 189 -13.17 -11.05 -7.78
C SER A 189 -13.13 -10.73 -9.26
N SER A 190 -13.93 -11.43 -10.06
CA SER A 190 -14.12 -11.14 -11.48
C SER A 190 -15.60 -10.89 -11.70
N VAL A 191 -15.94 -9.75 -12.27
CA VAL A 191 -17.35 -9.38 -12.48
C VAL A 191 -17.57 -9.08 -13.95
N VAL A 192 -18.73 -9.48 -14.46
CA VAL A 192 -19.08 -9.19 -15.83
C VAL A 192 -20.45 -8.50 -15.83
N THR A 193 -20.58 -7.46 -16.65
CA THR A 193 -21.82 -6.74 -16.81
C THR A 193 -22.52 -7.23 -18.07
N VAL A 194 -23.77 -7.67 -17.93
CA VAL A 194 -24.51 -8.32 -19.00
C VAL A 194 -25.89 -7.71 -19.10
N PRO A 195 -26.58 -7.94 -20.22
CA PRO A 195 -27.97 -7.47 -20.34
C PRO A 195 -28.89 -8.17 -19.35
N SER A 196 -29.71 -7.38 -18.64
CA SER A 196 -30.65 -7.97 -17.69
C SER A 196 -31.65 -8.88 -18.37
N SER A 197 -32.02 -8.58 -19.61
CA SER A 197 -32.97 -9.44 -20.33
C SER A 197 -32.39 -10.81 -20.61
N SER A 198 -31.07 -10.95 -20.63
CA SER A 198 -30.42 -12.22 -20.90
C SER A 198 -30.38 -13.16 -19.71
N LEU A 199 -30.70 -12.67 -18.50
CA LEU A 199 -30.47 -13.47 -17.30
C LEU A 199 -31.33 -14.73 -17.27
N GLY A 200 -32.49 -14.70 -17.94
CA GLY A 200 -33.35 -15.86 -17.96
C GLY A 200 -32.96 -16.96 -18.93
N THR A 201 -32.22 -16.62 -19.98
CA THR A 201 -31.90 -17.59 -21.01
C THR A 201 -30.41 -17.89 -21.15
N GLN A 202 -29.54 -16.90 -20.94
CA GLN A 202 -28.12 -17.08 -21.16
C GLN A 202 -27.46 -17.67 -19.91
N THR A 203 -26.70 -18.74 -20.10
CA THR A 203 -25.94 -19.32 -19.01
C THR A 203 -24.60 -18.60 -18.85
N TYR A 204 -24.18 -18.37 -17.61
CA TYR A 204 -22.92 -17.70 -17.31
C TYR A 204 -22.10 -18.61 -16.41
N ILE A 205 -20.91 -18.97 -16.88
CA ILE A 205 -19.99 -19.83 -16.15
C ILE A 205 -18.65 -19.13 -16.08
N CYS A 206 -18.08 -19.02 -14.89
CA CYS A 206 -16.71 -18.53 -14.78
C CYS A 206 -15.75 -19.72 -14.73
N ASN A 207 -14.69 -19.64 -15.54
CA ASN A 207 -13.69 -20.69 -15.64
C ASN A 207 -12.43 -20.20 -14.95
N VAL A 208 -12.15 -20.78 -13.79
CA VAL A 208 -11.02 -20.39 -12.95
C VAL A 208 -9.93 -21.44 -13.10
N ASN A 209 -8.72 -21.00 -13.39
CA ASN A 209 -7.58 -21.92 -13.51
C ASN A 209 -6.49 -21.40 -12.60
N HIS A 210 -6.07 -22.22 -11.65
CA HIS A 210 -4.94 -21.91 -10.78
C HIS A 210 -3.83 -22.89 -11.15
N LYS A 211 -2.99 -22.48 -12.10
CA LYS A 211 -1.92 -23.36 -12.58
C LYS A 211 -0.96 -23.82 -11.48
N PRO A 212 -0.56 -23.00 -10.49
CA PRO A 212 0.36 -23.52 -9.46
C PRO A 212 -0.14 -24.75 -8.74
N SER A 213 -1.44 -24.84 -8.43
CA SER A 213 -2.00 -25.99 -7.74
C SER A 213 -2.65 -26.98 -8.69
N ASN A 214 -2.66 -26.68 -9.99
CA ASN A 214 -3.36 -27.49 -10.99
C ASN A 214 -4.81 -27.73 -10.58
N THR A 215 -5.47 -26.65 -10.17
CA THR A 215 -6.89 -26.69 -9.81
C THR A 215 -7.66 -25.92 -10.87
N LYS A 216 -8.75 -26.50 -11.39
CA LYS A 216 -9.67 -25.77 -12.24
C LYS A 216 -11.11 -25.93 -11.76
N VAL A 217 -11.85 -24.82 -11.80
CA VAL A 217 -13.23 -24.77 -11.36
C VAL A 217 -14.03 -24.12 -12.47
N ASP A 218 -15.18 -24.69 -12.81
CA ASP A 218 -16.11 -24.05 -13.74
C ASP A 218 -17.41 -23.87 -12.97
N LYS A 219 -17.67 -22.64 -12.54
CA LYS A 219 -18.76 -22.35 -11.60
C LYS A 219 -19.90 -21.65 -12.33
N ARG A 220 -21.08 -22.29 -12.35
CA ARG A 220 -22.26 -21.63 -12.88
C ARG A 220 -22.73 -20.53 -11.93
N VAL A 221 -23.05 -19.37 -12.49
CA VAL A 221 -23.52 -18.23 -11.71
C VAL A 221 -24.97 -17.97 -12.10
N GLU A 222 -25.89 -18.29 -11.19
CA GLU A 222 -27.31 -18.25 -11.49
C GLU A 222 -27.99 -17.08 -10.79
N PRO A 223 -29.07 -16.54 -11.38
CA PRO A 223 -29.86 -15.53 -10.67
C PRO A 223 -30.47 -16.13 -9.42
N LYS A 224 -30.69 -15.27 -8.43
CA LYS A 224 -31.40 -15.64 -7.22
C LYS A 224 -32.89 -15.64 -7.47
N SER A 225 -33.58 -16.68 -7.00
CA SER A 225 -35.03 -16.76 -7.22
C SER A 225 -35.80 -16.01 -6.14
N GLN B 1 8.03 10.73 23.97
CA GLN B 1 6.89 11.18 23.19
C GLN B 1 7.31 12.13 22.08
N SER B 2 8.52 11.91 21.55
CA SER B 2 8.96 12.62 20.35
C SER B 2 8.17 12.11 19.16
N VAL B 3 7.32 12.97 18.59
CA VAL B 3 6.43 12.59 17.51
C VAL B 3 6.43 13.68 16.44
N LEU B 4 6.44 13.26 15.17
CA LEU B 4 6.26 14.14 14.03
C LEU B 4 4.91 13.77 13.41
N THR B 5 4.00 14.74 13.33
CA THR B 5 2.64 14.47 12.87
C THR B 5 2.39 15.07 11.49
N GLN B 6 1.94 14.23 10.56
CA GLN B 6 1.56 14.68 9.23
C GLN B 6 0.17 14.16 8.87
N SER B 7 -0.61 14.98 8.18
CA SER B 7 -1.88 14.52 7.62
C SER B 7 -1.63 13.44 6.57
N PRO B 8 -2.47 12.40 6.52
CA PRO B 8 -2.15 11.27 5.63
C PRO B 8 -2.27 11.56 4.14
N SER B 9 -3.08 12.53 3.72
CA SER B 9 -3.28 12.70 2.28
C SER B 9 -3.60 14.15 1.92
N ALA B 10 -3.30 14.49 0.67
CA ALA B 10 -3.60 15.81 0.13
C ALA B 10 -3.76 15.67 -1.38
N SER B 11 -4.46 16.62 -2.00
CA SER B 11 -4.61 16.59 -3.45
C SER B 11 -4.69 17.99 -4.00
N ALA B 12 -4.19 18.15 -5.23
CA ALA B 12 -4.21 19.43 -5.94
C ALA B 12 -4.01 19.14 -7.42
N SER B 13 -4.31 20.12 -8.24
CA SER B 13 -4.21 19.93 -9.69
C SER B 13 -2.93 20.56 -10.23
N LEU B 14 -2.58 20.15 -11.45
CA LEU B 14 -1.40 20.68 -12.13
C LEU B 14 -1.37 22.21 -12.06
N GLY B 15 -0.17 22.74 -11.79
CA GLY B 15 0.08 24.17 -11.77
C GLY B 15 -0.28 24.86 -10.48
N ALA B 16 -0.98 24.19 -9.58
CA ALA B 16 -1.35 24.78 -8.31
C ALA B 16 -0.17 24.69 -7.35
N SER B 17 -0.28 25.40 -6.24
CA SER B 17 0.69 25.31 -5.17
C SER B 17 0.07 24.55 -4.01
N VAL B 18 0.89 23.84 -3.25
CA VAL B 18 0.44 23.15 -2.06
C VAL B 18 1.46 23.33 -0.95
N LYS B 19 0.97 23.38 0.28
CA LYS B 19 1.81 23.49 1.46
C LYS B 19 1.53 22.29 2.36
N LEU B 20 2.55 21.47 2.56
CA LEU B 20 2.45 20.31 3.45
C LEU B 20 3.04 20.66 4.80
N THR B 21 2.42 20.15 5.87
CA THR B 21 2.80 20.50 7.23
C THR B 21 3.32 19.29 7.99
N CYS B 22 4.45 19.47 8.65
CA CYS B 22 4.97 18.55 9.66
C CYS B 22 4.88 19.29 11.00
N THR B 23 4.17 18.70 11.97
CA THR B 23 4.00 19.31 13.29
C THR B 23 4.85 18.58 14.31
N LEU B 24 5.74 19.31 14.98
CA LEU B 24 6.69 18.76 15.92
C LEU B 24 6.07 18.73 17.32
N SER B 25 6.29 17.61 18.03
CA SER B 25 5.99 17.52 19.46
C SER B 25 6.65 18.67 20.22
N SER B 26 6.08 19.01 21.38
CA SER B 26 6.54 20.20 22.10
C SER B 26 8.02 20.11 22.47
N GLY B 27 8.48 18.91 22.87
CA GLY B 27 9.89 18.73 23.18
C GLY B 27 10.80 18.89 21.99
N LEU B 28 10.27 18.74 20.78
CA LEU B 28 11.07 18.87 19.56
C LEU B 28 10.86 20.21 18.88
N ARG B 29 10.26 21.19 19.55
CA ARG B 29 9.78 22.39 18.86
C ARG B 29 10.90 23.20 18.22
N SER B 30 12.15 23.07 18.68
CA SER B 30 13.25 23.81 18.10
C SER B 30 14.10 22.96 17.15
N TYR B 31 13.65 21.76 16.81
CA TYR B 31 14.51 20.83 16.07
C TYR B 31 14.48 21.09 14.56
N THR B 32 15.59 20.72 13.93
CA THR B 32 15.72 20.69 12.47
C THR B 32 15.06 19.44 11.92
N ILE B 33 14.41 19.56 10.76
CA ILE B 33 13.86 18.39 10.10
C ILE B 33 14.43 18.29 8.69
N ALA B 34 14.24 17.11 8.10
CA ALA B 34 14.48 16.89 6.69
C ALA B 34 13.17 16.47 6.04
N TRP B 35 12.98 16.90 4.79
CA TRP B 35 11.87 16.49 3.96
C TRP B 35 12.36 15.53 2.88
N TYR B 36 11.56 14.49 2.60
CA TYR B 36 11.85 13.52 1.56
C TYR B 36 10.62 13.31 0.69
N GLN B 37 10.88 12.87 -0.54
CA GLN B 37 9.85 12.52 -1.52
C GLN B 37 10.00 11.05 -1.88
N ARG B 38 8.89 10.32 -1.97
CA ARG B 38 8.92 8.98 -2.54
C ARG B 38 7.85 8.84 -3.61
N GLN B 39 8.29 8.89 -4.86
CA GLN B 39 7.41 8.64 -6.00
C GLN B 39 7.26 7.13 -6.18
N ARG B 40 6.11 6.74 -6.72
CA ARG B 40 5.82 5.30 -6.84
C ARG B 40 6.88 4.55 -7.62
N GLY B 41 7.35 3.45 -7.04
CA GLY B 41 8.37 2.62 -7.63
C GLY B 41 9.74 3.24 -7.70
N GLN B 42 9.96 4.40 -7.09
CA GLN B 42 11.22 5.13 -7.15
C GLN B 42 11.88 5.17 -5.77
N ALA B 43 13.20 5.30 -5.78
CA ALA B 43 13.93 5.54 -4.53
C ALA B 43 13.45 6.85 -3.89
N PRO B 44 13.28 6.87 -2.56
CA PRO B 44 13.09 8.15 -1.88
C PRO B 44 14.21 9.11 -2.22
N ARG B 45 13.87 10.40 -2.24
CA ARG B 45 14.79 11.48 -2.56
C ARG B 45 14.80 12.47 -1.40
N PHE B 46 16.00 12.74 -0.88
CA PHE B 46 16.21 13.81 0.09
C PHE B 46 15.98 15.17 -0.59
N LEU B 47 15.07 15.98 -0.04
CA LEU B 47 14.70 17.24 -0.68
C LEU B 47 15.39 18.45 -0.06
N LEU B 48 15.41 18.56 1.27
CA LEU B 48 16.03 19.71 1.95
C LEU B 48 15.98 19.47 3.45
N ARG B 49 16.85 20.18 4.16
CA ARG B 49 16.79 20.32 5.61
C ARG B 49 16.25 21.70 5.95
N LEU B 50 15.61 21.79 7.10
CA LEU B 50 14.89 23.01 7.46
C LEU B 50 14.95 23.19 8.96
N ASP B 51 15.56 24.29 9.43
CA ASP B 51 15.72 24.47 10.86
C ASP B 51 14.61 25.34 11.45
N SER B 52 14.71 25.60 12.76
CA SER B 52 13.61 26.21 13.49
C SER B 52 13.36 27.65 13.05
N VAL B 53 14.39 28.35 12.57
CA VAL B 53 14.20 29.73 12.13
C VAL B 53 13.87 29.83 10.65
N GLY B 54 13.77 28.70 9.94
CA GLY B 54 13.38 28.73 8.55
C GLY B 54 14.51 28.69 7.55
N SER B 55 15.77 28.64 8.00
CA SER B 55 16.86 28.39 7.07
C SER B 55 16.74 26.98 6.50
N HIS B 56 17.22 26.81 5.27
CA HIS B 56 17.19 25.50 4.65
C HIS B 56 18.45 25.26 3.84
N THR B 57 18.69 23.99 3.52
CA THR B 57 19.79 23.58 2.66
C THR B 57 19.18 23.04 1.37
N LYS B 58 19.39 23.77 0.28
CA LYS B 58 19.02 23.31 -1.05
C LYS B 58 19.87 22.11 -1.45
N VAL B 59 19.25 21.16 -2.13
CA VAL B 59 19.91 19.92 -2.53
C VAL B 59 20.07 19.93 -4.04
N ASP B 60 21.27 19.53 -4.50
CA ASP B 60 21.54 19.42 -5.93
C ASP B 60 20.58 18.44 -6.57
N GLY B 61 20.00 18.83 -7.70
CA GLY B 61 19.10 17.98 -8.43
C GLY B 61 17.64 18.10 -8.05
N ILE B 62 17.32 18.90 -7.04
CA ILE B 62 15.94 19.07 -6.58
C ILE B 62 15.39 20.36 -7.20
N PRO B 63 14.24 20.30 -7.85
CA PRO B 63 13.71 21.52 -8.51
C PRO B 63 13.48 22.66 -7.54
N ASP B 64 13.64 23.88 -8.04
CA ASP B 64 13.49 25.06 -7.20
C ASP B 64 12.06 25.27 -6.72
N ARG B 65 11.07 24.58 -7.31
CA ARG B 65 9.71 24.77 -6.82
C ARG B 65 9.47 24.13 -5.46
N PHE B 66 10.42 23.38 -4.94
CA PHE B 66 10.36 22.83 -3.58
C PHE B 66 11.07 23.80 -2.63
N SER B 67 10.35 24.29 -1.62
CA SER B 67 10.97 25.15 -0.63
C SER B 67 10.40 24.85 0.74
N GLY B 68 11.05 25.38 1.76
CA GLY B 68 10.67 25.10 3.13
C GLY B 68 10.55 26.38 3.93
N SER B 69 9.75 26.32 4.98
CA SER B 69 9.59 27.43 5.91
C SER B 69 9.16 26.86 7.26
N SER B 70 9.26 27.69 8.30
CA SER B 70 8.97 27.22 9.65
C SER B 70 8.17 28.25 10.42
N SER B 71 7.40 27.77 11.39
CA SER B 71 6.65 28.66 12.28
C SER B 71 6.39 27.88 13.57
N GLY B 72 7.14 28.21 14.62
CA GLY B 72 6.94 27.54 15.90
C GLY B 72 7.22 26.05 15.78
N THR B 73 6.25 25.23 16.18
CA THR B 73 6.35 23.78 16.08
C THR B 73 6.10 23.25 14.68
N GLU B 74 5.75 24.11 13.73
CA GLU B 74 5.39 23.66 12.40
C GLU B 74 6.53 23.85 11.41
N ARG B 75 6.69 22.85 10.54
CA ARG B 75 7.67 22.84 9.46
C ARG B 75 6.89 22.61 8.16
N TYR B 76 7.13 23.43 7.17
CA TYR B 76 6.34 23.39 5.94
C TYR B 76 7.21 23.02 4.75
N LEU B 77 6.64 22.23 3.84
CA LEU B 77 7.19 22.04 2.50
C LEU B 77 6.18 22.63 1.54
N THR B 78 6.59 23.66 0.80
CA THR B 78 5.73 24.26 -0.21
C THR B 78 6.21 23.81 -1.59
N ILE B 79 5.29 23.31 -2.39
CA ILE B 79 5.56 22.93 -3.78
C ILE B 79 4.74 23.85 -4.66
N SER B 80 5.41 24.72 -5.40
CA SER B 80 4.71 25.59 -6.33
C SER B 80 4.68 24.96 -7.72
N ASN B 81 3.75 25.42 -8.55
CA ASN B 81 3.63 25.03 -9.96
C ASN B 81 3.73 23.51 -10.13
N LEU B 82 2.76 22.81 -9.53
CA LEU B 82 2.83 21.36 -9.40
C LEU B 82 2.91 20.69 -10.77
N GLN B 83 3.82 19.73 -10.90
CA GLN B 83 3.99 18.89 -12.06
C GLN B 83 3.46 17.50 -11.76
N SER B 84 3.13 16.76 -12.82
CA SER B 84 2.60 15.41 -12.62
C SER B 84 3.55 14.54 -11.80
N GLU B 85 4.86 14.70 -11.99
CA GLU B 85 5.82 13.86 -11.28
C GLU B 85 5.93 14.20 -9.80
N ASP B 86 5.26 15.25 -9.34
CA ASP B 86 5.27 15.59 -7.93
C ASP B 86 4.29 14.74 -7.12
N GLU B 87 3.47 13.90 -7.76
CA GLU B 87 2.65 12.96 -7.02
C GLU B 87 3.56 11.96 -6.30
N ALA B 88 3.44 11.88 -4.98
CA ALA B 88 4.42 11.17 -4.18
C ALA B 88 3.97 11.15 -2.73
N ASP B 89 4.60 10.29 -1.94
CA ASP B 89 4.56 10.37 -0.49
C ASP B 89 5.64 11.34 -0.04
N TYR B 90 5.28 12.29 0.82
CA TYR B 90 6.22 13.26 1.38
C TYR B 90 6.34 13.00 2.87
N PHE B 91 7.54 12.72 3.35
CA PHE B 91 7.69 12.45 4.78
C PHE B 91 8.80 13.30 5.40
N CYS B 92 8.59 13.66 6.66
CA CYS B 92 9.56 14.45 7.41
C CYS B 92 10.29 13.55 8.41
N GLN B 93 11.43 14.05 8.88
CA GLN B 93 12.32 13.25 9.71
C GLN B 93 13.15 14.18 10.59
N THR B 94 13.42 13.76 11.84
CA THR B 94 14.42 14.43 12.65
C THR B 94 15.29 13.37 13.34
N TRP B 95 16.22 13.85 14.16
CA TRP B 95 17.25 13.03 14.79
C TRP B 95 17.41 13.55 16.21
N THR B 96 17.30 12.64 17.19
CA THR B 96 17.39 13.00 18.60
C THR B 96 18.34 11.99 19.27
N THR B 97 19.57 12.42 19.55
CA THR B 97 20.58 11.62 20.26
C THR B 97 20.65 10.18 19.73
N GLY B 98 20.88 10.08 18.42
CA GLY B 98 21.06 8.78 17.78
C GLY B 98 19.79 8.03 17.46
N ILE B 99 18.63 8.65 17.63
CA ILE B 99 17.33 8.07 17.31
C ILE B 99 16.74 8.86 16.13
N TYR B 100 16.30 8.14 15.09
CA TYR B 100 15.61 8.78 13.98
C TYR B 100 14.12 8.76 14.25
N ILE B 101 13.49 9.92 14.09
CA ILE B 101 12.04 10.04 14.21
C ILE B 101 11.49 10.41 12.84
N PHE B 102 10.55 9.63 12.33
CA PHE B 102 9.91 9.88 11.05
C PHE B 102 8.45 10.25 11.26
N GLY B 103 7.97 11.19 10.44
CA GLY B 103 6.54 11.38 10.28
C GLY B 103 5.93 10.24 9.48
N GLY B 104 4.60 10.17 9.54
CA GLY B 104 3.88 9.11 8.83
C GLY B 104 3.76 9.30 7.35
N GLY B 105 4.08 10.49 6.85
CA GLY B 105 4.00 10.81 5.44
C GLY B 105 2.66 11.35 5.04
N THR B 106 2.67 12.22 4.04
CA THR B 106 1.46 12.74 3.37
C THR B 106 1.50 12.26 1.93
N ARG B 107 0.48 11.51 1.51
CA ARG B 107 0.37 11.12 0.11
C ARG B 107 -0.29 12.24 -0.67
N LEU B 108 0.48 12.92 -1.53
CA LEU B 108 -0.05 13.98 -2.36
C LEU B 108 -0.45 13.41 -3.72
N SER B 109 -1.72 13.55 -4.08
CA SER B 109 -2.19 13.27 -5.44
C SER B 109 -2.14 14.56 -6.25
N VAL B 110 -1.58 14.48 -7.46
CA VAL B 110 -1.54 15.60 -8.38
C VAL B 110 -2.40 15.24 -9.59
N LEU B 111 -3.55 15.89 -9.70
CA LEU B 111 -4.50 15.58 -10.77
C LEU B 111 -4.00 16.16 -12.09
N SER B 112 -3.80 15.30 -13.10
CA SER B 112 -3.49 15.76 -14.44
C SER B 112 -4.66 15.55 -15.39
N GLN B 113 -5.80 15.13 -14.86
CA GLN B 113 -7.04 15.02 -15.61
C GLN B 113 -8.17 15.22 -14.59
N PRO B 114 -9.41 15.37 -15.07
CA PRO B 114 -10.49 15.72 -14.12
C PRO B 114 -10.78 14.59 -13.15
N LYS B 115 -11.21 15.00 -11.95
CA LYS B 115 -11.66 14.02 -10.95
C LYS B 115 -12.78 13.15 -11.52
N ALA B 116 -12.70 11.85 -11.23
CA ALA B 116 -13.73 10.89 -11.61
C ALA B 116 -14.19 10.17 -10.35
N SER B 117 -15.51 10.10 -10.14
CA SER B 117 -16.01 9.54 -8.88
C SER B 117 -16.26 8.03 -9.02
N PRO B 118 -16.07 7.29 -7.93
CA PRO B 118 -16.12 5.82 -8.01
C PRO B 118 -17.51 5.25 -8.19
N THR B 119 -17.56 4.17 -8.96
CA THR B 119 -18.68 3.22 -8.95
C THR B 119 -18.42 2.20 -7.85
N VAL B 120 -19.44 1.92 -7.04
CA VAL B 120 -19.31 0.99 -5.91
C VAL B 120 -20.33 -0.12 -6.07
N THR B 121 -19.86 -1.36 -6.17
CA THR B 121 -20.71 -2.55 -6.29
C THR B 121 -20.50 -3.43 -5.07
N LEU B 122 -21.55 -3.70 -4.33
CA LEU B 122 -21.47 -4.48 -3.09
C LEU B 122 -22.25 -5.79 -3.26
N PHE B 123 -21.57 -6.91 -3.05
CA PHE B 123 -22.19 -8.24 -3.12
C PHE B 123 -22.26 -8.85 -1.72
N PRO B 124 -23.39 -9.45 -1.36
CA PRO B 124 -23.47 -10.19 -0.10
C PRO B 124 -22.79 -11.53 -0.20
N PRO B 125 -22.60 -12.23 0.92
CA PRO B 125 -22.14 -13.62 0.86
C PRO B 125 -23.09 -14.49 0.05
N SER B 126 -22.51 -15.42 -0.72
CA SER B 126 -23.33 -16.38 -1.45
C SER B 126 -23.88 -17.42 -0.49
N SER B 127 -25.03 -18.01 -0.86
CA SER B 127 -25.55 -19.11 -0.06
C SER B 127 -24.57 -20.27 -0.02
N GLU B 128 -23.83 -20.51 -1.12
CA GLU B 128 -22.82 -21.57 -1.12
C GLU B 128 -21.74 -21.32 -0.08
N GLU B 129 -21.27 -20.07 0.04
CA GLU B 129 -20.23 -19.81 1.03
C GLU B 129 -20.76 -19.99 2.44
N LEU B 130 -21.99 -19.54 2.70
CA LEU B 130 -22.59 -19.74 4.03
C LEU B 130 -22.69 -21.23 4.36
N GLN B 131 -22.96 -22.07 3.36
CA GLN B 131 -22.99 -23.52 3.58
C GLN B 131 -21.61 -24.07 3.94
N ALA B 132 -20.55 -23.43 3.46
CA ALA B 132 -19.17 -23.76 3.83
C ALA B 132 -18.72 -23.10 5.13
N ASN B 133 -19.67 -22.55 5.90
CA ASN B 133 -19.43 -21.95 7.21
C ASN B 133 -18.54 -20.72 7.14
N LYS B 134 -18.63 -19.96 6.04
CA LYS B 134 -17.89 -18.72 5.89
C LYS B 134 -18.82 -17.67 5.31
N ALA B 135 -18.36 -16.41 5.31
CA ALA B 135 -19.18 -15.33 4.76
C ALA B 135 -18.24 -14.18 4.40
N THR B 136 -18.27 -13.77 3.13
CA THR B 136 -17.44 -12.66 2.68
C THR B 136 -18.34 -11.65 1.98
N LEU B 137 -18.30 -10.39 2.45
CA LEU B 137 -18.91 -9.28 1.72
C LEU B 137 -17.86 -8.69 0.77
N VAL B 138 -18.28 -8.38 -0.45
CA VAL B 138 -17.35 -7.98 -1.52
C VAL B 138 -17.74 -6.59 -1.99
N CYS B 139 -16.85 -5.61 -1.79
CA CYS B 139 -17.08 -4.22 -2.19
C CYS B 139 -16.09 -3.85 -3.29
N LEU B 140 -16.59 -3.68 -4.51
CA LEU B 140 -15.73 -3.46 -5.67
C LEU B 140 -15.86 -2.01 -6.09
N ILE B 141 -14.71 -1.33 -6.23
CA ILE B 141 -14.66 0.12 -6.43
C ILE B 141 -13.94 0.38 -7.73
N SER B 142 -14.57 1.13 -8.64
CA SER B 142 -13.98 1.27 -9.96
C SER B 142 -14.17 2.67 -10.54
N ASP B 143 -13.35 2.96 -11.54
CA ASP B 143 -13.50 4.15 -12.39
C ASP B 143 -13.34 5.45 -11.61
N PHE B 144 -12.38 5.48 -10.67
CA PHE B 144 -12.14 6.71 -9.93
C PHE B 144 -10.78 7.30 -10.23
N TYR B 145 -10.69 8.62 -10.05
CA TYR B 145 -9.44 9.35 -10.28
C TYR B 145 -9.50 10.59 -9.40
N PRO B 146 -8.45 10.92 -8.65
CA PRO B 146 -7.17 10.22 -8.54
C PRO B 146 -7.32 8.91 -7.77
N GLY B 147 -6.25 8.13 -7.79
CA GLY B 147 -6.22 6.80 -7.19
C GLY B 147 -5.99 6.81 -5.70
N ALA B 148 -6.94 7.37 -4.96
CA ALA B 148 -6.87 7.45 -3.51
C ALA B 148 -8.29 7.34 -2.97
N VAL B 149 -8.57 6.30 -2.18
CA VAL B 149 -9.86 6.12 -1.53
C VAL B 149 -9.63 5.58 -0.12
N THR B 150 -10.61 5.83 0.75
CA THR B 150 -10.70 5.09 2.00
C THR B 150 -12.06 4.39 2.06
N VAL B 151 -12.06 3.23 2.73
CA VAL B 151 -13.23 2.38 2.85
C VAL B 151 -13.56 2.19 4.32
N ALA B 152 -14.83 2.32 4.66
CA ALA B 152 -15.31 2.07 6.02
C ALA B 152 -16.48 1.12 5.93
N TRP B 153 -16.49 0.10 6.79
CA TRP B 153 -17.57 -0.86 6.85
C TRP B 153 -18.40 -0.62 8.09
N LYS B 154 -19.68 -0.91 8.00
CA LYS B 154 -20.59 -0.79 9.13
C LYS B 154 -21.46 -2.04 9.25
N ALA B 155 -21.67 -2.47 10.48
CA ALA B 155 -22.68 -3.47 10.82
C ALA B 155 -23.87 -2.72 11.39
N ASP B 156 -25.02 -2.82 10.72
CA ASP B 156 -26.14 -1.93 10.99
C ASP B 156 -25.61 -0.50 10.87
N SER B 157 -25.43 0.18 11.99
CA SER B 157 -24.90 1.54 11.99
C SER B 157 -23.55 1.66 12.67
N SER B 158 -22.97 0.56 13.17
CA SER B 158 -21.73 0.61 13.95
C SER B 158 -20.52 0.29 13.09
N PRO B 159 -19.43 1.06 13.20
CA PRO B 159 -18.23 0.74 12.44
C PRO B 159 -17.69 -0.65 12.77
N VAL B 160 -17.18 -1.32 11.74
CA VAL B 160 -16.55 -2.64 11.88
C VAL B 160 -15.17 -2.55 11.26
N LYS B 161 -14.15 -2.86 12.05
CA LYS B 161 -12.77 -2.84 11.58
C LYS B 161 -12.14 -4.22 11.46
N ALA B 162 -12.55 -5.17 12.30
CA ALA B 162 -11.99 -6.51 12.21
C ALA B 162 -12.51 -7.23 10.98
N GLY B 163 -11.64 -8.05 10.39
CA GLY B 163 -11.98 -8.86 9.24
C GLY B 163 -11.98 -8.13 7.91
N VAL B 164 -11.40 -6.93 7.84
CA VAL B 164 -11.43 -6.09 6.63
C VAL B 164 -10.09 -6.22 5.92
N GLU B 165 -10.12 -6.48 4.62
CA GLU B 165 -8.93 -6.52 3.77
C GLU B 165 -9.20 -5.67 2.54
N THR B 166 -8.36 -4.68 2.29
CA THR B 166 -8.57 -3.69 1.22
C THR B 166 -7.32 -3.58 0.36
N THR B 167 -7.48 -3.57 -0.95
CA THR B 167 -6.34 -3.41 -1.85
C THR B 167 -5.90 -1.95 -1.94
N THR B 168 -4.64 -1.78 -2.33
CA THR B 168 -4.22 -0.46 -2.78
C THR B 168 -4.79 -0.21 -4.18
N PRO B 169 -5.19 1.02 -4.50
CA PRO B 169 -5.73 1.27 -5.84
C PRO B 169 -4.73 0.93 -6.92
N SER B 170 -5.25 0.38 -8.01
CA SER B 170 -4.45 0.01 -9.17
C SER B 170 -5.03 0.65 -10.42
N LYS B 171 -4.15 1.06 -11.31
CA LYS B 171 -4.60 1.76 -12.51
C LYS B 171 -5.22 0.79 -13.51
N GLN B 172 -6.43 1.12 -13.97
CA GLN B 172 -7.13 0.40 -15.01
C GLN B 172 -6.59 0.77 -16.39
N SER B 173 -7.01 0.02 -17.40
CA SER B 173 -6.59 0.31 -18.76
C SER B 173 -7.05 1.68 -19.25
N ASN B 174 -8.11 2.25 -18.66
CA ASN B 174 -8.60 3.55 -19.11
C ASN B 174 -8.01 4.72 -18.32
N ASN B 175 -6.98 4.49 -17.51
CA ASN B 175 -6.24 5.47 -16.69
C ASN B 175 -6.99 5.87 -15.42
N LYS B 176 -8.19 5.37 -15.19
CA LYS B 176 -8.82 5.50 -13.88
C LYS B 176 -8.37 4.33 -13.01
N TYR B 177 -8.82 4.30 -11.76
CA TYR B 177 -8.33 3.34 -10.78
C TYR B 177 -9.44 2.41 -10.30
N ALA B 178 -9.00 1.24 -9.81
CA ALA B 178 -9.87 0.24 -9.19
C ALA B 178 -9.30 -0.20 -7.85
N ALA B 179 -10.18 -0.62 -6.95
CA ALA B 179 -9.81 -1.18 -5.66
C ALA B 179 -10.91 -2.13 -5.22
N SER B 180 -10.58 -3.04 -4.30
CA SER B 180 -11.61 -3.90 -3.72
C SER B 180 -11.39 -3.98 -2.22
N SER B 181 -12.50 -4.20 -1.50
CA SER B 181 -12.46 -4.40 -0.06
C SER B 181 -13.36 -5.57 0.30
N TYR B 182 -12.87 -6.41 1.20
CA TYR B 182 -13.55 -7.64 1.60
C TYR B 182 -13.76 -7.62 3.11
N LEU B 183 -14.99 -7.92 3.54
CA LEU B 183 -15.30 -8.04 4.96
C LEU B 183 -15.63 -9.50 5.26
N SER B 184 -14.86 -10.10 6.17
CA SER B 184 -15.06 -11.50 6.56
C SER B 184 -15.91 -11.55 7.84
N LEU B 185 -16.97 -12.35 7.80
CA LEU B 185 -17.89 -12.53 8.93
C LEU B 185 -18.13 -14.02 9.15
N THR B 186 -18.69 -14.35 10.32
CA THR B 186 -19.28 -15.66 10.46
C THR B 186 -20.70 -15.63 9.88
N PRO B 187 -21.23 -16.79 9.47
CA PRO B 187 -22.61 -16.83 9.01
C PRO B 187 -23.58 -16.31 10.05
N GLU B 188 -23.29 -16.54 11.34
CA GLU B 188 -24.17 -16.06 12.40
C GLU B 188 -24.16 -14.54 12.49
N GLN B 189 -22.99 -13.92 12.37
CA GLN B 189 -22.94 -12.46 12.34
C GLN B 189 -23.72 -11.91 11.15
N TRP B 190 -23.57 -12.53 9.98
CA TRP B 190 -24.25 -12.04 8.80
C TRP B 190 -25.76 -12.08 8.99
N LYS B 191 -26.29 -13.20 9.45
CA LYS B 191 -27.75 -13.34 9.54
C LYS B 191 -28.36 -12.57 10.70
N SER B 192 -27.56 -12.16 11.70
CA SER B 192 -28.08 -11.54 12.89
C SER B 192 -28.24 -10.02 12.81
N HIS B 193 -27.58 -9.34 11.87
CA HIS B 193 -27.78 -7.91 11.74
C HIS B 193 -28.82 -7.58 10.67
N ARG B 194 -29.36 -6.36 10.76
CA ARG B 194 -30.34 -5.91 9.78
C ARG B 194 -29.66 -5.58 8.45
N SER B 195 -28.43 -5.08 8.48
CA SER B 195 -27.74 -4.75 7.24
C SER B 195 -26.24 -4.58 7.51
N TYR B 196 -25.47 -4.61 6.42
CA TYR B 196 -24.07 -4.22 6.41
C TYR B 196 -23.84 -3.20 5.30
N SER B 197 -22.88 -2.29 5.53
CA SER B 197 -22.63 -1.20 4.58
C SER B 197 -21.16 -1.08 4.26
N CYS B 198 -20.87 -0.75 3.00
CA CYS B 198 -19.53 -0.38 2.54
C CYS B 198 -19.58 1.09 2.12
N GLN B 199 -18.82 1.93 2.81
CA GLN B 199 -18.78 3.37 2.55
C GLN B 199 -17.43 3.73 1.95
N VAL B 200 -17.44 4.32 0.76
CA VAL B 200 -16.24 4.72 0.05
C VAL B 200 -16.11 6.24 0.07
N THR B 201 -14.98 6.74 0.56
CA THR B 201 -14.69 8.18 0.59
C THR B 201 -13.64 8.49 -0.47
N HIS B 202 -13.95 9.47 -1.33
CA HIS B 202 -13.07 9.85 -2.43
C HIS B 202 -13.14 11.36 -2.59
N GLU B 203 -12.01 12.03 -2.42
CA GLU B 203 -11.89 13.47 -2.60
C GLU B 203 -13.04 14.22 -1.91
N GLY B 204 -13.29 13.86 -0.65
CA GLY B 204 -14.28 14.55 0.18
C GLY B 204 -15.68 13.98 0.15
N SER B 205 -16.07 13.34 -0.96
CA SER B 205 -17.43 12.87 -1.15
C SER B 205 -17.52 11.39 -0.80
N THR B 206 -18.72 10.94 -0.43
CA THR B 206 -18.91 9.56 -0.01
C THR B 206 -20.04 8.88 -0.79
N VAL B 207 -19.87 7.58 -1.01
CA VAL B 207 -20.87 6.70 -1.61
C VAL B 207 -21.00 5.52 -0.66
N GLU B 208 -22.21 5.21 -0.23
CA GLU B 208 -22.40 4.08 0.67
C GLU B 208 -23.44 3.12 0.10
N LYS B 209 -23.05 1.86 -0.05
CA LYS B 209 -23.96 0.81 -0.48
C LYS B 209 -24.21 -0.13 0.69
N THR B 210 -25.42 -0.67 0.74
CA THR B 210 -25.86 -1.48 1.87
C THR B 210 -26.49 -2.77 1.35
N VAL B 211 -26.27 -3.86 2.07
CA VAL B 211 -26.92 -5.14 1.78
C VAL B 211 -27.55 -5.69 3.06
N ALA B 212 -28.68 -6.37 2.90
CA ALA B 212 -29.42 -6.94 4.00
C ALA B 212 -29.57 -8.45 3.82
N PRO B 213 -29.42 -9.23 4.90
CA PRO B 213 -29.52 -10.69 4.76
C PRO B 213 -30.90 -11.15 4.35
N THR B 214 -31.95 -10.42 4.70
CA THR B 214 -33.34 -10.69 4.32
C THR B 214 -33.63 -10.44 2.85
N GLU B 215 -32.62 -10.26 2.01
CA GLU B 215 -32.82 -10.04 0.58
C GLU B 215 -32.53 -11.31 -0.22
#